data_4BH2
#
_entry.id   4BH2
#
_cell.length_a   101.620
_cell.length_b   101.620
_cell.length_c   331.126
_cell.angle_alpha   90.00
_cell.angle_beta   90.00
_cell.angle_gamma   120.00
#
_symmetry.space_group_name_H-M   'H 3 2'
#
loop_
_entity.id
_entity.type
_entity.pdbx_description
1 polymer HEMAGGLUTININ
2 polymer HEMAGGLUTININ
3 branched beta-D-mannopyranose-(1-3)-[alpha-D-mannopyranose-(1-6)]beta-D-mannopyranose-(1-4)-2-acetamido-2-deoxy-beta-D-glucopyranose-(1-4)-2-acetamido-2-deoxy-beta-D-glucopyranose
4 non-polymer 2-acetamido-2-deoxy-beta-D-glucopyranose
5 non-polymer '4-(2-HYDROXYETHYL)-1-PIPERAZINE ETHANESULFONIC ACID'
6 water water
#
loop_
_entity_poly.entity_id
_entity_poly.type
_entity_poly.pdbx_seq_one_letter_code
_entity_poly.pdbx_strand_id
1 'polypeptide(L)'
;DPDQICIGYHANNSTEQVDTIMEKNVTVTHAQDILEKKHNGKLCDLDGVKPLILRDCSVAGWLLGNPMCDEFINVPEWSY
IVEKANPVNDLCYPGDFNDYEELKHLLSRINHFEKIQIIPKSSWSSHEASLGVSSACPYQGKSSFFRNVVWLIKKDSTYP
TIKRSYNNTNQEDLLVLWGIHHPNDAAEQTKLYQNPTTYISVGTSTLNQRLVPRIATRSKVKGLSGRMEFFWTILKPNDA
INFESNGNFIAPEYAYKIVKKGDSTIMKSELEYGNCNTKCQTPMGAINSSMPFHNIHPLTIGECPKYVKSNRLVLAIGLR
NSPQRETR
;
A
2 'polypeptide(L)'
;GLFGAIAGFIEGGWQGMVDGWYGYHHSNEQGSGYAADKESTQKAIDGVTNKVNSIIDKMNTQFEAVGREFNNLERRIENL
NKKMEDGFLDVWTYNAELLVLMENERTLDFHDSNVKNLYDKVRLQLRDNAKELGNGCFEFYHKCDNECMESVRNGTYDYP
QYSEEAR
;
B
#
# COMPACT_ATOMS: atom_id res chain seq x y z
N ASP A 1 -14.38 -62.88 -19.42
CA ASP A 1 -14.90 -61.48 -19.29
C ASP A 1 -14.26 -60.58 -20.33
N PRO A 2 -15.07 -59.83 -21.10
CA PRO A 2 -14.47 -59.09 -22.20
C PRO A 2 -13.60 -57.93 -21.74
N ASP A 3 -12.61 -57.60 -22.54
CA ASP A 3 -11.67 -56.53 -22.24
C ASP A 3 -12.39 -55.19 -22.29
N GLN A 4 -11.98 -54.23 -21.45
CA GLN A 4 -12.45 -52.86 -21.62
C GLN A 4 -11.41 -51.76 -21.40
N ILE A 5 -11.67 -50.62 -22.02
CA ILE A 5 -10.92 -49.40 -21.77
C ILE A 5 -11.88 -48.27 -21.41
N CYS A 6 -11.49 -47.47 -20.42
CA CYS A 6 -12.34 -46.46 -19.83
C CYS A 6 -11.64 -45.11 -19.84
N ILE A 7 -12.42 -44.04 -20.00
CA ILE A 7 -11.91 -42.68 -19.92
C ILE A 7 -12.29 -42.11 -18.57
N GLY A 8 -11.37 -41.39 -17.94
CA GLY A 8 -11.61 -40.83 -16.63
C GLY A 8 -10.71 -39.66 -16.31
N TYR A 9 -10.76 -39.23 -15.05
CA TYR A 9 -10.08 -38.03 -14.60
C TYR A 9 -9.54 -38.19 -13.19
N HIS A 10 -8.61 -37.30 -12.84
CA HIS A 10 -7.86 -37.35 -11.58
C HIS A 10 -8.77 -37.01 -10.39
N ALA A 11 -8.57 -37.74 -9.29
CA ALA A 11 -9.11 -37.39 -7.98
C ALA A 11 -7.97 -37.46 -6.98
N ASN A 12 -8.10 -36.78 -5.84
CA ASN A 12 -7.11 -36.87 -4.76
C ASN A 12 -7.75 -36.61 -3.38
N ASN A 13 -6.92 -36.38 -2.36
CA ASN A 13 -7.40 -36.19 -0.99
C ASN A 13 -7.64 -34.72 -0.58
N SER A 14 -7.74 -33.82 -1.56
CA SER A 14 -7.98 -32.40 -1.27
C SER A 14 -9.40 -32.15 -0.74
N THR A 15 -9.48 -31.37 0.35
CA THR A 15 -10.75 -30.89 0.89
C THR A 15 -10.96 -29.40 0.56
N GLU A 16 -10.05 -28.79 -0.19
CA GLU A 16 -10.18 -27.38 -0.56
C GLU A 16 -11.46 -27.16 -1.36
N GLN A 17 -12.15 -26.07 -1.05
CA GLN A 17 -13.41 -25.75 -1.68
C GLN A 17 -13.34 -24.39 -2.36
N VAL A 18 -14.05 -24.26 -3.48
CA VAL A 18 -14.24 -22.97 -4.13
C VAL A 18 -15.71 -22.73 -4.38
N ASP A 19 -16.05 -21.50 -4.72
CA ASP A 19 -17.40 -21.15 -5.14
C ASP A 19 -17.38 -20.84 -6.63
N THR A 20 -18.46 -21.20 -7.33
CA THR A 20 -18.69 -20.81 -8.72
C THR A 20 -19.94 -19.95 -8.81
N ILE A 21 -20.17 -19.33 -9.96
CA ILE A 21 -21.35 -18.49 -10.13
C ILE A 21 -22.66 -19.27 -9.95
N MET A 22 -22.68 -20.54 -10.30
CA MET A 22 -23.90 -21.34 -10.16
C MET A 22 -23.94 -22.27 -8.94
N GLU A 23 -22.82 -22.42 -8.24
CA GLU A 23 -22.72 -23.43 -7.20
C GLU A 23 -21.68 -23.05 -6.12
N LYS A 24 -22.06 -23.16 -4.86
CA LYS A 24 -21.14 -22.90 -3.74
C LYS A 24 -20.49 -24.18 -3.21
N ASN A 25 -19.34 -24.03 -2.56
CA ASN A 25 -18.69 -25.13 -1.83
C ASN A 25 -18.37 -26.36 -2.70
N VAL A 26 -17.73 -26.10 -3.83
CA VAL A 26 -17.27 -27.15 -4.73
C VAL A 26 -15.87 -27.60 -4.33
N THR A 27 -15.73 -28.85 -3.95
CA THR A 27 -14.43 -29.39 -3.58
C THR A 27 -13.63 -29.66 -4.87
N VAL A 28 -12.39 -29.17 -4.91
CA VAL A 28 -11.53 -29.31 -6.09
C VAL A 28 -10.19 -29.94 -5.71
N THR A 29 -9.46 -30.45 -6.71
CA THR A 29 -8.19 -31.15 -6.46
C THR A 29 -7.05 -30.19 -6.16
N HIS A 30 -7.14 -28.95 -6.63
CA HIS A 30 -6.13 -27.93 -6.37
C HIS A 30 -6.75 -26.55 -6.61
N ALA A 31 -6.47 -25.62 -5.70
CA ALA A 31 -6.98 -24.27 -5.74
C ALA A 31 -5.85 -23.28 -5.44
N GLN A 32 -6.07 -22.01 -5.79
CA GLN A 32 -5.08 -20.96 -5.52
C GLN A 32 -5.74 -19.64 -5.12
N ASP A 33 -5.29 -19.09 -4.00
CA ASP A 33 -5.81 -17.84 -3.48
C ASP A 33 -5.09 -16.64 -4.09
N ILE A 34 -5.84 -15.64 -4.54
CA ILE A 34 -5.25 -14.43 -5.12
C ILE A 34 -5.41 -13.18 -4.25
N LEU A 35 -5.87 -13.37 -3.02
CA LEU A 35 -6.00 -12.28 -2.05
C LEU A 35 -4.82 -12.31 -1.07
N GLU A 36 -4.04 -11.24 -1.03
CA GLU A 36 -2.99 -11.11 -0.01
C GLU A 36 -3.60 -10.72 1.34
N LYS A 37 -3.28 -11.50 2.37
CA LYS A 37 -3.77 -11.24 3.73
C LYS A 37 -2.65 -11.07 4.76
N LYS A 38 -1.39 -11.18 4.31
CA LYS A 38 -0.25 -11.20 5.21
C LYS A 38 0.58 -9.93 5.15
N HIS A 39 1.02 -9.45 6.31
CA HIS A 39 1.96 -8.35 6.43
C HIS A 39 3.05 -8.73 7.43
N ASN A 40 4.17 -7.99 7.43
CA ASN A 40 5.32 -8.33 8.27
C ASN A 40 5.36 -7.66 9.65
N GLY A 41 4.38 -6.81 9.91
CA GLY A 41 4.22 -6.17 11.22
C GLY A 41 5.19 -5.04 11.50
N LYS A 42 5.84 -4.52 10.46
CA LYS A 42 6.94 -3.57 10.61
C LYS A 42 6.86 -2.38 9.66
N LEU A 43 7.52 -1.28 10.05
CA LEU A 43 7.71 -0.11 9.19
C LEU A 43 9.04 -0.24 8.46
N CYS A 44 8.99 -0.23 7.14
CA CYS A 44 10.16 -0.53 6.33
C CYS A 44 10.55 0.65 5.45
N ASP A 45 11.72 0.52 4.83
CA ASP A 45 12.14 1.43 3.77
C ASP A 45 11.22 1.26 2.57
N LEU A 46 11.08 2.31 1.78
CA LEU A 46 10.30 2.23 0.56
C LEU A 46 11.22 2.37 -0.65
N ASP A 47 11.61 1.24 -1.22
CA ASP A 47 12.27 1.18 -2.54
C ASP A 47 13.59 1.97 -2.76
N GLY A 48 14.61 1.85 -1.92
CA GLY A 48 14.56 1.37 -0.54
C GLY A 48 15.11 2.52 0.29
N VAL A 49 14.34 3.60 0.35
CA VAL A 49 14.69 4.80 1.11
C VAL A 49 13.92 4.78 2.42
N LYS A 50 14.63 5.01 3.52
CA LYS A 50 14.05 4.92 4.87
C LYS A 50 13.00 6.02 5.10
N PRO A 51 11.99 5.74 5.94
CA PRO A 51 11.09 6.81 6.34
C PRO A 51 11.68 7.71 7.42
N LEU A 52 11.17 8.93 7.52
CA LEU A 52 11.45 9.79 8.67
C LEU A 52 10.43 9.46 9.76
N ILE A 53 10.90 8.84 10.84
CA ILE A 53 10.04 8.41 11.94
C ILE A 53 10.20 9.40 13.10
N LEU A 54 9.10 10.07 13.47
CA LEU A 54 9.17 11.20 14.40
C LEU A 54 8.92 10.84 15.87
N ARG A 55 8.73 9.55 16.15
CA ARG A 55 8.57 9.07 17.54
C ARG A 55 7.45 9.85 18.26
N ASP A 56 7.78 10.72 19.21
CA ASP A 56 6.76 11.45 19.98
C ASP A 56 6.68 12.94 19.62
N CYS A 57 7.24 13.29 18.45
CA CYS A 57 7.31 14.69 18.01
C CYS A 57 6.39 14.87 16.79
N SER A 58 5.80 16.05 16.65
CA SER A 58 5.06 16.40 15.44
C SER A 58 6.02 17.00 14.44
N VAL A 59 5.60 17.09 13.17
CA VAL A 59 6.41 17.73 12.14
C VAL A 59 6.83 19.14 12.57
N ALA A 60 5.88 19.91 13.10
CA ALA A 60 6.14 21.29 13.56
C ALA A 60 7.15 21.37 14.69
N GLY A 61 6.99 20.51 15.70
CA GLY A 61 7.94 20.45 16.81
C GLY A 61 9.33 20.07 16.32
N TRP A 62 9.38 19.09 15.43
CA TRP A 62 10.64 18.65 14.83
C TRP A 62 11.33 19.78 14.07
N LEU A 63 10.59 20.44 13.18
CA LEU A 63 11.14 21.56 12.38
C LEU A 63 11.57 22.76 13.22
N LEU A 64 10.72 23.16 14.16
CA LEU A 64 10.98 24.34 14.99
C LEU A 64 12.07 24.10 16.04
N GLY A 65 12.27 22.84 16.43
CA GLY A 65 13.23 22.49 17.46
C GLY A 65 12.66 22.53 18.86
N ASN A 66 11.43 22.04 19.02
CA ASN A 66 10.82 21.88 20.34
C ASN A 66 11.82 21.13 21.25
N PRO A 67 12.24 21.77 22.36
CA PRO A 67 13.28 21.18 23.21
C PRO A 67 12.84 19.89 23.91
N MET A 68 11.53 19.70 24.06
CA MET A 68 10.97 18.50 24.67
C MET A 68 11.06 17.30 23.74
N CYS A 69 11.17 17.55 22.43
CA CYS A 69 11.46 16.49 21.44
C CYS A 69 12.92 16.09 21.54
N ASP A 70 13.27 14.99 20.88
CA ASP A 70 14.66 14.49 20.86
C ASP A 70 15.57 15.42 20.08
N GLU A 71 16.86 15.33 20.36
CA GLU A 71 17.89 16.12 19.67
C GLU A 71 17.81 15.87 18.16
N PHE A 72 17.98 16.92 17.37
CA PHE A 72 17.93 16.82 15.92
C PHE A 72 19.08 15.97 15.38
N ILE A 73 18.76 14.83 14.79
CA ILE A 73 19.73 14.00 14.09
C ILE A 73 19.52 14.20 12.59
N ASN A 74 20.62 14.32 11.86
CA ASN A 74 20.56 14.52 10.41
C ASN A 74 20.03 13.27 9.70
N VAL A 75 18.99 13.48 8.90
CA VAL A 75 18.52 12.47 7.95
C VAL A 75 18.47 13.16 6.58
N PRO A 76 19.42 12.83 5.69
CA PRO A 76 19.52 13.57 4.42
C PRO A 76 18.36 13.33 3.42
N GLU A 77 17.62 12.24 3.57
CA GLU A 77 16.51 11.93 2.66
C GLU A 77 15.52 10.96 3.29
N TRP A 78 14.30 10.94 2.78
CA TRP A 78 13.28 9.97 3.23
C TRP A 78 12.11 9.83 2.25
N SER A 79 11.42 8.70 2.35
CA SER A 79 10.36 8.33 1.40
C SER A 79 8.96 8.73 1.88
N TYR A 80 8.75 8.67 3.18
CA TYR A 80 7.48 9.09 3.80
C TYR A 80 7.73 9.42 5.28
N ILE A 81 6.78 10.13 5.90
CA ILE A 81 6.89 10.51 7.30
C ILE A 81 5.92 9.69 8.15
N VAL A 82 6.43 9.18 9.26
CA VAL A 82 5.62 8.44 10.21
C VAL A 82 5.43 9.30 11.46
N GLU A 83 4.18 9.60 11.76
CA GLU A 83 3.80 10.35 12.95
C GLU A 83 2.93 9.42 13.77
N LYS A 84 3.00 9.52 15.10
CA LYS A 84 2.02 8.84 15.93
C LYS A 84 0.69 9.58 15.82
N ALA A 85 -0.41 8.92 16.17
CA ALA A 85 -1.75 9.53 16.07
C ALA A 85 -1.80 10.88 16.78
N ASN A 86 -1.33 10.90 18.02
CA ASN A 86 -1.33 12.12 18.84
C ASN A 86 0.04 12.33 19.48
N PRO A 87 0.99 12.95 18.74
CA PRO A 87 2.31 13.21 19.30
C PRO A 87 2.22 14.11 20.53
N VAL A 88 2.83 13.69 21.63
CA VAL A 88 2.76 14.45 22.89
C VAL A 88 3.50 15.77 22.79
N ASN A 89 4.57 15.82 21.99
CA ASN A 89 5.35 17.04 21.79
C ASN A 89 5.08 17.67 20.43
N ASP A 90 4.43 18.83 20.44
CA ASP A 90 4.07 19.54 19.23
C ASP A 90 4.57 20.99 19.36
N LEU A 91 3.71 21.91 19.80
CA LEU A 91 4.14 23.27 20.08
C LEU A 91 4.20 23.41 21.59
N CYS A 92 5.42 23.50 22.13
CA CYS A 92 5.61 23.58 23.57
C CYS A 92 5.04 24.90 24.11
N TYR A 93 5.30 26.00 23.40
CA TYR A 93 4.59 27.26 23.63
C TYR A 93 3.37 27.23 22.72
N PRO A 94 2.16 27.37 23.30
CA PRO A 94 0.96 27.19 22.51
C PRO A 94 0.80 28.22 21.38
N GLY A 95 0.07 27.82 20.33
CA GLY A 95 -0.17 28.69 19.20
C GLY A 95 -0.62 27.94 17.95
N ASP A 96 -0.16 28.42 16.80
CA ASP A 96 -0.60 27.92 15.50
C ASP A 96 0.50 27.94 14.48
N PHE A 97 0.33 27.13 13.44
CA PHE A 97 1.28 27.02 12.36
C PHE A 97 0.53 27.24 11.04
N ASN A 98 0.89 28.29 10.32
CA ASN A 98 0.19 28.67 9.10
C ASN A 98 0.47 27.71 7.94
N ASP A 99 -0.59 27.33 7.21
CA ASP A 99 -0.53 26.36 6.11
C ASP A 99 0.25 25.10 6.51
N TYR A 100 -0.09 24.55 7.66
CA TYR A 100 0.65 23.43 8.24
C TYR A 100 0.51 22.16 7.41
N GLU A 101 -0.70 21.87 6.96
CA GLU A 101 -0.97 20.63 6.23
C GLU A 101 -0.27 20.63 4.87
N GLU A 102 -0.29 21.77 4.18
CA GLU A 102 0.45 21.87 2.92
C GLU A 102 1.96 21.71 3.14
N LEU A 103 2.49 22.24 4.25
CA LEU A 103 3.91 22.09 4.54
C LEU A 103 4.27 20.62 4.78
N LYS A 104 3.45 19.94 5.57
CA LYS A 104 3.68 18.51 5.83
C LYS A 104 3.59 17.68 4.56
N HIS A 105 2.69 18.05 3.66
CA HIS A 105 2.60 17.38 2.36
C HIS A 105 3.83 17.63 1.50
N LEU A 106 4.30 18.88 1.46
CA LEU A 106 5.56 19.21 0.75
C LEU A 106 6.74 18.41 1.29
N LEU A 107 6.80 18.22 2.61
CA LEU A 107 7.93 17.51 3.24
C LEU A 107 7.78 15.99 3.29
N SER A 108 6.65 15.47 2.81
CA SER A 108 6.37 14.04 2.95
C SER A 108 7.48 13.16 2.36
N ARG A 109 7.92 13.48 1.15
CA ARG A 109 9.04 12.80 0.50
C ARG A 109 10.10 13.84 0.08
N ILE A 110 11.34 13.61 0.49
CA ILE A 110 12.43 14.56 0.29
C ILE A 110 13.68 13.84 -0.21
N ASN A 111 14.27 14.38 -1.28
CA ASN A 111 15.48 13.82 -1.90
C ASN A 111 16.75 14.31 -1.19
N HIS A 112 16.75 15.57 -0.77
CA HIS A 112 17.86 16.11 0.02
C HIS A 112 17.39 17.13 1.06
N PHE A 113 17.84 16.95 2.29
CA PHE A 113 17.47 17.80 3.42
C PHE A 113 18.70 18.11 4.29
N GLU A 114 18.97 19.39 4.50
CA GLU A 114 20.15 19.82 5.25
C GLU A 114 19.84 21.12 6.02
N LYS A 115 19.97 21.04 7.34
CA LYS A 115 19.76 22.18 8.22
C LYS A 115 21.02 23.05 8.23
N ILE A 116 20.84 24.36 8.01
CA ILE A 116 21.97 25.30 8.06
C ILE A 116 21.62 26.52 8.90
N GLN A 117 22.65 27.18 9.44
CA GLN A 117 22.48 28.42 10.16
C GLN A 117 22.46 29.57 9.15
N ILE A 118 21.38 30.33 9.13
CA ILE A 118 21.27 31.49 8.23
C ILE A 118 21.42 32.86 8.90
N ILE A 119 20.99 32.98 10.16
CA ILE A 119 21.19 34.20 10.94
C ILE A 119 21.72 33.79 12.31
N PRO A 120 23.04 33.97 12.55
CA PRO A 120 23.58 33.56 13.84
C PRO A 120 22.90 34.26 15.02
N LYS A 121 22.61 33.49 16.07
CA LYS A 121 22.03 34.01 17.31
C LYS A 121 22.88 35.14 17.91
N SER A 122 24.21 35.01 17.77
CA SER A 122 25.15 35.98 18.30
C SER A 122 25.21 37.31 17.52
N SER A 123 24.47 37.42 16.42
CA SER A 123 24.54 38.59 15.55
C SER A 123 23.52 39.69 15.91
N TRP A 124 22.68 39.45 16.92
CA TRP A 124 21.70 40.45 17.34
C TRP A 124 22.32 41.38 18.38
N SER A 125 23.02 42.40 17.90
CA SER A 125 23.78 43.32 18.75
C SER A 125 22.91 44.29 19.54
N SER A 126 21.80 44.72 18.93
CA SER A 126 20.93 45.76 19.50
C SER A 126 19.68 45.18 20.19
N HIS A 127 19.65 43.87 20.40
CA HIS A 127 18.52 43.21 21.06
C HIS A 127 19.01 42.12 21.99
N GLU A 128 18.13 41.67 22.89
CA GLU A 128 18.44 40.59 23.82
C GLU A 128 17.96 39.27 23.21
N ALA A 129 18.90 38.37 22.95
CA ALA A 129 18.61 37.13 22.22
C ALA A 129 18.45 35.90 23.13
N SER A 130 18.86 36.01 24.39
CA SER A 130 18.86 34.88 25.31
C SER A 130 17.91 35.06 26.50
N LEU A 131 16.94 35.96 26.37
CA LEU A 131 15.95 36.19 27.43
C LEU A 131 14.56 35.67 27.05
N GLY A 132 14.42 35.19 25.81
CA GLY A 132 13.14 34.65 25.33
C GLY A 132 13.01 33.18 25.65
N VAL A 133 12.58 32.90 26.88
CA VAL A 133 12.42 31.53 27.35
C VAL A 133 11.13 31.41 28.15
N SER A 134 10.68 30.17 28.34
CA SER A 134 9.46 29.89 29.09
C SER A 134 9.58 28.54 29.77
N SER A 135 8.94 28.40 30.93
CA SER A 135 8.90 27.12 31.64
C SER A 135 8.09 26.08 30.85
N ALA A 136 7.27 26.56 29.91
CA ALA A 136 6.55 25.67 29.00
C ALA A 136 7.46 24.87 28.08
N CYS A 137 8.61 25.45 27.70
CA CYS A 137 9.58 24.78 26.82
C CYS A 137 10.89 24.50 27.56
N PRO A 138 10.91 23.50 28.45
CA PRO A 138 12.13 23.21 29.20
C PRO A 138 13.18 22.47 28.37
N TYR A 139 14.45 22.77 28.65
CA TYR A 139 15.59 22.07 28.06
C TYR A 139 16.62 21.84 29.15
N GLN A 140 16.70 20.59 29.65
CA GLN A 140 17.60 20.19 30.75
C GLN A 140 17.28 20.90 32.07
N GLY A 141 16.00 20.90 32.44
CA GLY A 141 15.56 21.50 33.69
C GLY A 141 15.59 23.02 33.75
N LYS A 142 15.93 23.66 32.63
CA LYS A 142 15.99 25.11 32.53
C LYS A 142 14.96 25.60 31.51
N SER A 143 14.30 26.71 31.81
CA SER A 143 13.37 27.34 30.88
C SER A 143 14.06 27.64 29.56
N SER A 144 13.43 27.25 28.45
CA SER A 144 14.02 27.44 27.13
C SER A 144 12.95 27.76 26.09
N PHE A 145 13.25 27.49 24.81
CA PHE A 145 12.34 27.80 23.70
C PHE A 145 12.66 26.91 22.51
N PHE A 146 11.80 26.93 21.49
CA PHE A 146 12.11 26.33 20.20
C PHE A 146 13.55 26.68 19.84
N ARG A 147 14.36 25.67 19.52
CA ARG A 147 15.80 25.85 19.37
C ARG A 147 16.23 26.42 18.02
N ASN A 148 15.38 26.37 17.00
CA ASN A 148 15.75 26.85 15.67
C ASN A 148 15.28 28.26 15.34
N VAL A 149 14.47 28.83 16.20
CA VAL A 149 14.04 30.22 16.08
C VAL A 149 14.46 30.95 17.36
N VAL A 150 14.40 32.28 17.34
CA VAL A 150 14.88 33.10 18.46
C VAL A 150 13.81 34.10 18.89
N TRP A 151 13.40 34.02 20.14
CA TRP A 151 12.40 34.94 20.69
C TRP A 151 13.12 36.18 21.21
N LEU A 152 13.20 37.20 20.36
CA LEU A 152 13.91 38.44 20.67
C LEU A 152 13.09 39.32 21.60
N ILE A 153 13.76 39.98 22.53
CA ILE A 153 13.09 40.97 23.38
C ILE A 153 13.94 42.25 23.50
N LYS A 154 13.39 43.24 24.18
CA LYS A 154 14.02 44.55 24.27
C LYS A 154 15.29 44.52 25.13
N LYS A 155 16.23 45.40 24.80
CA LYS A 155 17.46 45.60 25.56
C LYS A 155 17.49 47.05 26.03
N ASP A 156 17.70 47.26 27.33
CA ASP A 156 17.79 48.60 27.93
C ASP A 156 16.57 49.46 27.60
N SER A 157 15.39 48.88 27.78
CA SER A 157 14.11 49.56 27.49
C SER A 157 14.06 50.09 26.05
N THR A 158 14.66 49.36 25.11
CA THR A 158 14.68 49.77 23.71
C THR A 158 14.59 48.56 22.78
N TYR A 159 13.78 48.68 21.73
CA TYR A 159 13.68 47.67 20.68
C TYR A 159 13.88 48.40 19.35
N PRO A 160 15.16 48.53 18.90
CA PRO A 160 15.41 49.20 17.63
C PRO A 160 14.84 48.41 16.44
N THR A 161 14.39 49.13 15.41
CA THR A 161 13.80 48.48 14.26
C THR A 161 14.83 47.55 13.61
N ILE A 162 14.43 46.29 13.45
CA ILE A 162 15.27 45.26 12.85
C ILE A 162 15.15 45.31 11.33
N LYS A 163 16.29 45.17 10.65
CA LYS A 163 16.31 45.05 9.19
C LYS A 163 17.39 44.05 8.80
N ARG A 164 16.99 42.81 8.54
CA ARG A 164 17.91 41.75 8.16
C ARG A 164 17.52 41.14 6.81
N SER A 165 18.55 40.73 6.07
CA SER A 165 18.37 40.01 4.82
C SER A 165 19.18 38.73 4.90
N TYR A 166 18.61 37.63 4.42
CA TYR A 166 19.39 36.46 4.08
C TYR A 166 19.22 36.17 2.60
N ASN A 167 20.34 35.96 1.94
CA ASN A 167 20.37 35.68 0.52
C ASN A 167 20.68 34.20 0.31
N ASN A 168 19.84 33.51 -0.45
CA ASN A 168 20.04 32.11 -0.74
C ASN A 168 21.17 31.92 -1.76
N THR A 169 22.40 31.87 -1.24
CA THR A 169 23.59 31.62 -2.05
C THR A 169 23.73 30.14 -2.40
N ASN A 170 23.00 29.28 -1.67
CA ASN A 170 23.01 27.85 -1.93
C ASN A 170 22.36 27.54 -3.28
N GLN A 171 22.56 26.33 -3.76
CA GLN A 171 22.06 25.92 -5.07
C GLN A 171 20.72 25.18 -4.94
N GLU A 172 20.06 25.33 -3.80
CA GLU A 172 18.84 24.57 -3.51
C GLU A 172 17.79 25.47 -2.86
N ASP A 173 16.53 25.10 -3.05
CA ASP A 173 15.43 25.75 -2.35
C ASP A 173 15.72 25.75 -0.85
N LEU A 174 15.25 26.78 -0.15
CA LEU A 174 15.43 26.90 1.28
C LEU A 174 14.08 27.09 1.98
N LEU A 175 13.74 26.17 2.89
CA LEU A 175 12.56 26.32 3.74
C LEU A 175 12.94 27.21 4.93
N VAL A 176 12.27 28.35 5.05
CA VAL A 176 12.54 29.31 6.13
C VAL A 176 11.31 29.43 7.02
N LEU A 177 11.53 29.40 8.34
CA LEU A 177 10.47 29.48 9.33
C LEU A 177 10.65 30.68 10.25
N TRP A 178 9.58 31.42 10.50
CA TRP A 178 9.58 32.50 11.50
C TRP A 178 8.23 32.54 12.19
N GLY A 179 8.10 33.42 13.18
CA GLY A 179 6.85 33.54 13.93
C GLY A 179 6.56 34.91 14.46
N ILE A 180 5.33 35.08 14.96
CA ILE A 180 4.92 36.28 15.67
C ILE A 180 4.35 35.87 17.02
N HIS A 181 4.66 36.66 18.05
CA HIS A 181 4.13 36.45 19.39
C HIS A 181 2.92 37.34 19.61
N HIS A 182 1.78 36.73 19.97
CA HIS A 182 0.58 37.46 20.32
C HIS A 182 0.46 37.53 21.84
N PRO A 183 0.83 38.69 22.44
CA PRO A 183 0.74 38.81 23.90
C PRO A 183 -0.68 38.97 24.41
N ASN A 184 -0.83 39.10 25.73
CA ASN A 184 -2.15 39.12 26.37
C ASN A 184 -2.74 40.52 26.54
N ASP A 185 -1.89 41.51 26.81
CA ASP A 185 -2.35 42.89 26.90
C ASP A 185 -1.24 43.90 26.59
N ALA A 186 -1.60 45.18 26.56
CA ALA A 186 -0.65 46.24 26.20
C ALA A 186 0.51 46.37 27.17
N ALA A 187 0.27 46.05 28.44
CA ALA A 187 1.30 46.10 29.49
C ALA A 187 2.40 45.06 29.23
N GLU A 188 1.98 43.85 28.87
CA GLU A 188 2.91 42.81 28.47
C GLU A 188 3.65 43.19 27.18
N GLN A 189 2.91 43.73 26.21
CA GLN A 189 3.48 44.19 24.94
C GLN A 189 4.67 45.13 25.17
N THR A 190 4.45 46.20 25.93
CA THR A 190 5.51 47.18 26.18
C THR A 190 6.61 46.62 27.07
N LYS A 191 6.24 45.73 28.00
CA LYS A 191 7.22 45.07 28.88
C LYS A 191 8.21 44.24 28.07
N LEU A 192 7.71 43.50 27.09
CA LEU A 192 8.56 42.65 26.26
C LEU A 192 9.27 43.42 25.14
N TYR A 193 8.56 44.36 24.50
CA TYR A 193 9.02 44.96 23.24
C TYR A 193 9.10 46.50 23.21
N GLN A 194 8.84 47.16 24.34
CA GLN A 194 8.88 48.63 24.45
C GLN A 194 7.84 49.33 23.57
N ASN A 195 7.98 49.20 22.25
CA ASN A 195 7.11 49.88 21.30
C ASN A 195 5.69 49.33 21.38
N PRO A 196 4.68 50.21 21.47
CA PRO A 196 3.29 49.76 21.71
C PRO A 196 2.58 49.18 20.48
N THR A 197 2.92 49.71 19.31
CA THR A 197 2.29 49.30 18.05
C THR A 197 3.37 48.75 17.13
N THR A 198 3.28 47.46 16.80
CA THR A 198 4.38 46.79 16.12
C THR A 198 3.92 45.99 14.92
N TYR A 199 4.89 45.60 14.10
CA TYR A 199 4.65 44.87 12.87
C TYR A 199 5.82 43.95 12.57
N ILE A 200 5.60 42.99 11.68
CA ILE A 200 6.66 42.19 11.10
C ILE A 200 6.38 42.10 9.60
N SER A 201 7.26 42.69 8.79
CA SER A 201 7.15 42.61 7.35
C SER A 201 8.19 41.63 6.80
N VAL A 202 7.77 40.81 5.84
CA VAL A 202 8.66 39.82 5.22
C VAL A 202 8.44 39.82 3.72
N GLY A 203 9.52 39.89 2.96
CA GLY A 203 9.43 39.96 1.50
C GLY A 203 10.44 39.07 0.81
N THR A 204 10.02 38.45 -0.29
CA THR A 204 10.90 37.72 -1.18
C THR A 204 10.61 38.24 -2.58
N SER A 205 10.95 37.47 -3.61
CA SER A 205 10.53 37.79 -4.98
C SER A 205 9.02 37.64 -5.14
N THR A 206 8.41 36.78 -4.32
CA THR A 206 6.98 36.48 -4.42
C THR A 206 6.18 36.85 -3.16
N LEU A 207 6.81 36.78 -2.00
CA LEU A 207 6.10 37.00 -0.73
C LEU A 207 6.03 38.48 -0.40
N ASN A 208 4.86 38.91 0.06
CA ASN A 208 4.63 40.30 0.46
C ASN A 208 3.78 40.33 1.73
N GLN A 209 4.42 40.05 2.86
CA GLN A 209 3.72 39.83 4.11
C GLN A 209 3.98 40.94 5.13
N ARG A 210 2.92 41.33 5.83
CA ARG A 210 3.04 42.22 7.00
CA ARG A 210 3.02 42.23 6.99
C ARG A 210 2.10 41.73 8.09
N LEU A 211 2.69 41.21 9.17
CA LEU A 211 1.93 40.69 10.32
C LEU A 211 1.81 41.75 11.41
N VAL A 212 0.73 41.70 12.19
CA VAL A 212 0.58 42.53 13.39
C VAL A 212 0.07 41.69 14.56
N PRO A 213 0.47 42.03 15.80
CA PRO A 213 0.02 41.22 16.92
C PRO A 213 -1.45 41.45 17.27
N ARG A 214 -2.23 40.37 17.30
CA ARG A 214 -3.62 40.43 17.74
C ARG A 214 -3.71 40.20 19.24
N ILE A 215 -4.29 41.15 19.95
CA ILE A 215 -4.57 41.00 21.36
C ILE A 215 -5.97 40.41 21.55
N ALA A 216 -6.07 39.53 22.55
CA ALA A 216 -7.33 38.93 22.95
C ALA A 216 -7.11 38.29 24.31
N THR A 217 -8.17 38.19 25.10
CA THR A 217 -8.13 37.42 26.33
C THR A 217 -8.37 35.98 25.92
N ARG A 218 -7.46 35.09 26.31
CA ARG A 218 -7.47 33.73 25.83
C ARG A 218 -7.32 32.76 27.00
N SER A 219 -7.81 31.54 26.79
CA SER A 219 -7.71 30.51 27.82
C SER A 219 -6.25 30.09 27.96
N LYS A 220 -5.87 29.70 29.17
CA LYS A 220 -4.51 29.24 29.43
C LYS A 220 -4.33 27.83 28.88
N VAL A 221 -3.25 27.64 28.14
CA VAL A 221 -2.84 26.33 27.66
C VAL A 221 -1.40 26.11 28.14
N LYS A 222 -1.22 25.04 28.91
CA LYS A 222 0.02 24.78 29.64
C LYS A 222 0.40 25.96 30.56
N GLY A 223 -0.61 26.68 31.04
CA GLY A 223 -0.40 27.82 31.95
C GLY A 223 -0.23 29.18 31.29
N LEU A 224 -0.31 29.24 29.96
CA LEU A 224 -0.03 30.47 29.21
C LEU A 224 -1.22 30.90 28.35
N SER A 225 -1.58 32.17 28.44
CA SER A 225 -2.63 32.76 27.59
C SER A 225 -2.08 33.41 26.33
N GLY A 226 -0.76 33.53 26.22
CA GLY A 226 -0.11 34.03 25.01
C GLY A 226 -0.13 33.00 23.90
N ARG A 227 0.20 33.41 22.67
CA ARG A 227 0.23 32.51 21.51
C ARG A 227 1.40 32.82 20.58
N MET A 228 2.03 31.77 20.06
CA MET A 228 3.07 31.90 19.03
C MET A 228 2.50 31.39 17.72
N GLU A 229 2.49 32.23 16.70
CA GLU A 229 1.99 31.83 15.39
C GLU A 229 3.15 31.81 14.41
N PHE A 230 3.36 30.66 13.78
CA PHE A 230 4.51 30.47 12.89
C PHE A 230 4.13 30.48 11.41
N PHE A 231 5.06 30.95 10.59
CA PHE A 231 4.88 31.01 9.15
C PHE A 231 6.10 30.45 8.44
N TRP A 232 5.98 30.25 7.14
CA TRP A 232 7.06 29.69 6.35
C TRP A 232 6.96 30.09 4.90
N THR A 233 8.07 29.96 4.20
CA THR A 233 8.09 30.14 2.74
C THR A 233 9.24 29.34 2.15
N ILE A 234 9.22 29.21 0.83
CA ILE A 234 10.31 28.55 0.10
C ILE A 234 11.11 29.62 -0.60
N LEU A 235 12.37 29.77 -0.21
CA LEU A 235 13.25 30.78 -0.80
C LEU A 235 14.06 30.18 -1.94
N LYS A 236 13.79 30.63 -3.17
CA LYS A 236 14.46 30.11 -4.36
C LYS A 236 15.97 30.40 -4.33
N PRO A 237 16.78 29.58 -5.03
CA PRO A 237 18.19 29.93 -5.22
C PRO A 237 18.36 31.32 -5.81
N ASN A 238 19.28 32.09 -5.22
CA ASN A 238 19.63 33.41 -5.71
C ASN A 238 18.59 34.48 -5.35
N ASP A 239 17.51 34.08 -4.66
CA ASP A 239 16.56 35.04 -4.11
C ASP A 239 16.94 35.34 -2.66
N ALA A 240 16.44 36.46 -2.14
CA ALA A 240 16.74 36.87 -0.78
C ALA A 240 15.45 37.20 -0.02
N ILE A 241 15.48 36.96 1.29
CA ILE A 241 14.34 37.25 2.17
C ILE A 241 14.68 38.42 3.08
N ASN A 242 13.77 39.39 3.16
CA ASN A 242 13.99 40.62 3.91
C ASN A 242 13.01 40.73 5.07
N PHE A 243 13.54 40.74 6.29
CA PHE A 243 12.70 40.93 7.48
C PHE A 243 12.82 42.36 7.98
N GLU A 244 11.69 42.93 8.40
CA GLU A 244 11.69 44.19 9.14
C GLU A 244 10.67 44.10 10.27
N SER A 245 11.05 44.58 11.45
CA SER A 245 10.17 44.50 12.62
C SER A 245 10.62 45.40 13.77
N ASN A 246 9.65 45.91 14.51
CA ASN A 246 9.90 46.70 15.72
C ASN A 246 9.26 46.03 16.94
N GLY A 247 9.05 44.71 16.86
CA GLY A 247 8.53 43.95 18.00
C GLY A 247 7.89 42.62 17.64
N ASN A 248 7.75 41.77 18.65
CA ASN A 248 6.97 40.52 18.57
C ASN A 248 7.53 39.48 17.58
N PHE A 249 8.79 39.67 17.18
CA PHE A 249 9.37 38.90 16.08
C PHE A 249 10.10 37.66 16.61
N ILE A 250 9.70 36.50 16.12
CA ILE A 250 10.36 35.24 16.42
C ILE A 250 11.25 34.95 15.20
N ALA A 251 12.52 35.34 15.30
CA ALA A 251 13.43 35.34 14.16
C ALA A 251 13.98 33.95 13.84
N PRO A 252 14.25 33.70 12.55
CA PRO A 252 14.90 32.45 12.20
C PRO A 252 16.38 32.46 12.60
N GLU A 253 16.85 31.32 13.08
CA GLU A 253 18.29 31.09 13.23
C GLU A 253 18.73 30.05 12.20
N TYR A 254 18.06 28.90 12.18
CA TYR A 254 18.31 27.85 11.20
C TYR A 254 17.18 27.76 10.17
N ALA A 255 17.55 27.37 8.96
CA ALA A 255 16.61 27.06 7.89
C ALA A 255 17.06 25.74 7.29
N TYR A 256 16.28 25.20 6.35
CA TYR A 256 16.54 23.88 5.78
C TYR A 256 16.66 23.90 4.26
N LYS A 257 17.80 23.46 3.75
CA LYS A 257 17.97 23.25 2.31
C LYS A 257 17.13 22.05 1.90
N ILE A 258 16.43 22.18 0.76
CA ILE A 258 15.54 21.13 0.28
C ILE A 258 15.71 20.88 -1.22
N VAL A 259 15.76 19.59 -1.58
CA VAL A 259 15.57 19.17 -2.97
C VAL A 259 14.38 18.22 -2.99
N LYS A 260 13.34 18.62 -3.70
CA LYS A 260 12.14 17.82 -3.77
C LYS A 260 11.93 17.30 -5.19
N LYS A 261 11.71 15.99 -5.31
CA LYS A 261 11.35 15.36 -6.58
C LYS A 261 9.95 14.76 -6.43
N GLY A 262 9.84 13.59 -5.82
CA GLY A 262 8.54 12.97 -5.58
C GLY A 262 7.74 13.58 -4.44
N ASP A 263 6.47 13.19 -4.35
CA ASP A 263 5.58 13.53 -3.25
C ASP A 263 4.98 12.23 -2.69
N SER A 264 4.73 12.17 -1.38
CA SER A 264 4.01 11.02 -0.78
C SER A 264 3.00 11.53 0.26
N THR A 265 3.03 11.06 1.51
CA THR A 265 2.13 11.57 2.55
C THR A 265 2.63 11.30 3.97
N ILE A 266 1.82 11.69 4.95
CA ILE A 266 2.08 11.40 6.37
C ILE A 266 1.32 10.13 6.79
N MET A 267 2.06 9.13 7.25
CA MET A 267 1.45 7.90 7.79
C MET A 267 1.28 8.02 9.30
N LYS A 268 0.07 7.75 9.76
CA LYS A 268 -0.21 7.65 11.18
C LYS A 268 -0.02 6.19 11.62
N SER A 269 0.98 5.94 12.45
CA SER A 269 1.25 4.60 12.96
C SER A 269 1.97 4.65 14.31
N GLU A 270 1.75 3.62 15.13
CA GLU A 270 2.37 3.52 16.45
C GLU A 270 3.58 2.59 16.43
N LEU A 271 3.91 2.05 15.26
CA LEU A 271 5.01 1.10 15.12
C LEU A 271 6.33 1.85 14.97
N GLU A 272 7.43 1.16 15.22
CA GLU A 272 8.77 1.72 15.06
C GLU A 272 9.47 1.08 13.86
N TYR A 273 10.69 1.51 13.57
CA TYR A 273 11.44 1.01 12.42
C TYR A 273 11.73 -0.49 12.54
N GLY A 274 11.71 -1.18 11.40
CA GLY A 274 11.89 -2.64 11.38
C GLY A 274 13.09 -3.14 10.59
N ASN A 275 13.95 -2.23 10.13
CA ASN A 275 15.18 -2.60 9.41
C ASN A 275 14.90 -3.52 8.21
N CYS A 276 13.87 -3.17 7.45
CA CYS A 276 13.42 -3.96 6.31
C CYS A 276 13.23 -3.07 5.09
N ASN A 277 12.91 -3.70 3.97
CA ASN A 277 12.62 -3.00 2.72
C ASN A 277 11.35 -3.57 2.09
N THR A 278 10.59 -2.69 1.43
CA THR A 278 9.32 -3.09 0.81
C THR A 278 8.94 -2.16 -0.33
N LYS A 279 7.94 -2.57 -1.10
CA LYS A 279 7.37 -1.74 -2.15
C LYS A 279 5.98 -1.19 -1.77
N CYS A 280 5.42 -1.70 -0.68
CA CYS A 280 4.08 -1.31 -0.25
C CYS A 280 3.97 -1.35 1.27
N GLN A 281 3.77 -0.18 1.87
CA GLN A 281 3.70 -0.07 3.32
C GLN A 281 2.28 0.26 3.77
N THR A 282 1.82 -0.42 4.81
CA THR A 282 0.60 -0.05 5.54
C THR A 282 0.99 0.30 6.99
N PRO A 283 0.10 0.98 7.73
CA PRO A 283 0.41 1.39 9.09
C PRO A 283 0.59 0.25 10.11
N MET A 284 0.07 -0.94 9.80
CA MET A 284 0.23 -2.12 10.67
C MET A 284 1.29 -3.12 10.16
N GLY A 285 1.89 -2.82 9.01
CA GLY A 285 2.97 -3.63 8.48
C GLY A 285 3.11 -3.48 6.97
N ALA A 286 4.24 -3.93 6.44
CA ALA A 286 4.49 -3.87 5.00
C ALA A 286 4.01 -5.16 4.35
N ILE A 287 3.67 -5.07 3.07
CA ILE A 287 3.26 -6.25 2.32
C ILE A 287 4.17 -6.46 1.10
N ASN A 288 4.51 -7.72 0.86
CA ASN A 288 5.48 -8.12 -0.15
C ASN A 288 4.82 -9.10 -1.10
N SER A 289 4.03 -8.58 -2.04
CA SER A 289 3.13 -9.41 -2.82
C SER A 289 3.09 -9.08 -4.31
N SER A 290 2.88 -10.12 -5.11
CA SER A 290 2.56 -9.98 -6.52
C SER A 290 1.06 -10.17 -6.76
N MET A 291 0.31 -10.44 -5.69
CA MET A 291 -1.14 -10.68 -5.78
C MET A 291 -1.89 -9.43 -6.22
N PRO A 292 -3.00 -9.61 -6.94
CA PRO A 292 -3.77 -8.44 -7.43
C PRO A 292 -4.58 -7.72 -6.37
N PHE A 293 -4.94 -8.41 -5.29
CA PHE A 293 -5.79 -7.82 -4.26
C PHE A 293 -5.22 -8.04 -2.85
N HIS A 294 -5.63 -7.19 -1.91
CA HIS A 294 -5.30 -7.37 -0.50
C HIS A 294 -6.40 -6.77 0.37
N ASN A 295 -6.45 -7.20 1.63
CA ASN A 295 -7.46 -6.72 2.57
C ASN A 295 -6.89 -6.22 3.90
N ILE A 296 -5.61 -5.84 3.91
CA ILE A 296 -4.92 -5.46 5.14
C ILE A 296 -5.31 -4.08 5.68
N HIS A 297 -5.22 -3.04 4.85
CA HIS A 297 -5.44 -1.65 5.31
C HIS A 297 -5.61 -0.70 4.13
N PRO A 298 -6.50 0.31 4.23
CA PRO A 298 -6.66 1.27 3.10
C PRO A 298 -5.58 2.38 3.01
N LEU A 299 -5.03 2.78 4.14
CA LEU A 299 -4.04 3.87 4.20
C LEU A 299 -2.62 3.40 3.85
N THR A 300 -2.45 2.97 2.60
CA THR A 300 -1.16 2.44 2.15
C THR A 300 -0.32 3.49 1.41
N ILE A 301 1.00 3.30 1.45
CA ILE A 301 1.93 4.11 0.67
C ILE A 301 2.84 3.17 -0.11
N GLY A 302 2.86 3.34 -1.43
CA GLY A 302 3.70 2.52 -2.32
C GLY A 302 2.92 1.99 -3.52
N GLU A 303 3.46 0.94 -4.13
CA GLU A 303 2.83 0.24 -5.24
C GLU A 303 2.17 -1.00 -4.70
N CYS A 304 0.86 -0.92 -4.46
CA CYS A 304 0.16 -1.93 -3.69
C CYS A 304 -0.88 -2.66 -4.52
N PRO A 305 -1.29 -3.86 -4.07
CA PRO A 305 -2.43 -4.50 -4.72
C PRO A 305 -3.72 -3.69 -4.45
N LYS A 306 -4.79 -4.03 -5.14
CA LYS A 306 -6.05 -3.31 -4.97
C LYS A 306 -6.74 -3.74 -3.68
N TYR A 307 -7.18 -2.74 -2.91
CA TYR A 307 -7.76 -2.99 -1.60
C TYR A 307 -9.23 -3.40 -1.71
N VAL A 308 -9.57 -4.55 -1.13
CA VAL A 308 -10.92 -5.08 -1.19
C VAL A 308 -11.46 -5.46 0.19
N LYS A 309 -12.78 -5.50 0.30
CA LYS A 309 -13.46 -5.99 1.49
C LYS A 309 -13.86 -7.44 1.24
N SER A 310 -12.92 -8.35 1.50
CA SER A 310 -13.10 -9.76 1.22
C SER A 310 -12.21 -10.57 2.14
N ASN A 311 -12.72 -11.71 2.61
CA ASN A 311 -11.95 -12.64 3.43
C ASN A 311 -11.18 -13.68 2.60
N ARG A 312 -11.60 -13.91 1.36
CA ARG A 312 -10.94 -14.89 0.48
C ARG A 312 -11.31 -14.77 -1.00
N LEU A 313 -10.32 -14.92 -1.87
CA LEU A 313 -10.55 -15.00 -3.32
C LEU A 313 -9.80 -16.21 -3.88
N VAL A 314 -10.47 -17.36 -3.90
CA VAL A 314 -9.81 -18.62 -4.22
C VAL A 314 -10.24 -19.11 -5.61
N LEU A 315 -9.28 -19.22 -6.51
CA LEU A 315 -9.52 -19.73 -7.87
C LEU A 315 -9.33 -21.24 -7.89
N ALA A 316 -10.21 -21.93 -8.61
CA ALA A 316 -10.01 -23.34 -8.92
C ALA A 316 -8.88 -23.47 -9.92
N ILE A 317 -8.03 -24.47 -9.72
CA ILE A 317 -6.98 -24.83 -10.68
C ILE A 317 -7.29 -26.21 -11.22
N GLY A 318 -7.47 -27.17 -10.31
CA GLY A 318 -7.73 -28.54 -10.66
C GLY A 318 -9.20 -28.86 -10.86
N LEU A 319 -9.52 -30.13 -10.71
CA LEU A 319 -10.81 -30.66 -11.11
C LEU A 319 -11.79 -30.78 -9.97
N ARG A 320 -13.06 -30.87 -10.31
CA ARG A 320 -14.10 -31.26 -9.38
C ARG A 320 -13.70 -32.56 -8.67
N ASN A 321 -13.50 -32.48 -7.37
CA ASN A 321 -13.05 -33.61 -6.55
C ASN A 321 -14.15 -34.00 -5.58
N SER A 322 -14.39 -35.30 -5.44
CA SER A 322 -15.33 -35.78 -4.43
C SER A 322 -14.91 -35.28 -3.03
N PRO A 323 -15.88 -34.80 -2.20
CA PRO A 323 -15.57 -34.41 -0.82
C PRO A 323 -15.50 -35.59 0.16
N GLN A 324 -15.15 -35.30 1.41
CA GLN A 324 -15.04 -36.33 2.46
C GLN A 324 -16.42 -36.89 2.85
N GLY B 1 -22.13 -30.85 -15.12
CA GLY B 1 -21.37 -29.81 -15.85
C GLY B 1 -21.77 -29.65 -17.30
N LEU B 2 -21.24 -28.60 -17.91
CA LEU B 2 -21.71 -28.17 -19.23
C LEU B 2 -21.54 -29.26 -20.28
N PHE B 3 -20.47 -30.02 -20.18
CA PHE B 3 -20.11 -30.98 -21.22
C PHE B 3 -20.54 -32.40 -20.91
N GLY B 4 -21.08 -32.59 -19.70
CA GLY B 4 -21.77 -33.82 -19.35
C GLY B 4 -20.91 -35.02 -18.98
N ALA B 5 -19.59 -34.84 -18.93
CA ALA B 5 -18.67 -35.94 -18.62
C ALA B 5 -18.34 -36.04 -17.13
N ILE B 6 -17.58 -35.08 -16.60
CA ILE B 6 -17.15 -35.10 -15.20
C ILE B 6 -18.38 -35.04 -14.29
N ALA B 7 -18.42 -35.93 -13.30
CA ALA B 7 -19.60 -36.08 -12.45
C ALA B 7 -20.90 -36.08 -13.28
N GLY B 8 -20.84 -36.76 -14.42
CA GLY B 8 -21.95 -36.84 -15.36
C GLY B 8 -22.09 -38.27 -15.81
N PHE B 9 -21.85 -38.56 -17.09
CA PHE B 9 -21.83 -39.96 -17.53
C PHE B 9 -20.57 -40.66 -17.00
N ILE B 10 -19.49 -39.90 -16.76
CA ILE B 10 -18.35 -40.40 -16.00
C ILE B 10 -18.54 -39.99 -14.54
N GLU B 11 -19.04 -40.93 -13.74
CA GLU B 11 -19.68 -40.56 -12.47
C GLU B 11 -18.76 -40.10 -11.36
N GLY B 12 -17.48 -40.48 -11.40
CA GLY B 12 -16.51 -40.03 -10.39
C GLY B 12 -15.08 -40.09 -10.88
N GLY B 13 -14.16 -39.49 -10.10
CA GLY B 13 -12.74 -39.44 -10.44
C GLY B 13 -11.93 -40.64 -9.94
N TRP B 14 -10.70 -40.75 -10.42
CA TRP B 14 -9.81 -41.87 -10.07
C TRP B 14 -8.68 -41.44 -9.14
N GLN B 15 -8.78 -41.84 -7.88
CA GLN B 15 -7.65 -41.73 -6.93
C GLN B 15 -6.41 -42.44 -7.45
N GLY B 16 -6.62 -43.53 -8.20
CA GLY B 16 -5.52 -44.34 -8.71
C GLY B 16 -4.71 -43.76 -9.86
N MET B 17 -5.22 -42.73 -10.52
CA MET B 17 -4.47 -42.05 -11.59
C MET B 17 -3.76 -40.83 -11.00
N VAL B 18 -2.52 -41.00 -10.59
CA VAL B 18 -1.77 -39.97 -9.86
C VAL B 18 -0.92 -39.04 -10.75
N ASP B 19 -0.59 -39.49 -11.95
CA ASP B 19 0.38 -38.80 -12.79
C ASP B 19 -0.22 -37.91 -13.91
N GLY B 20 -1.49 -37.53 -13.78
CA GLY B 20 -2.10 -36.64 -14.77
C GLY B 20 -3.52 -36.28 -14.43
N TRP B 21 -4.12 -35.37 -15.20
CA TRP B 21 -5.48 -34.89 -14.95
C TRP B 21 -6.54 -35.74 -15.64
N TYR B 22 -6.23 -36.17 -16.86
CA TYR B 22 -7.14 -36.99 -17.64
C TYR B 22 -6.39 -38.21 -18.19
N GLY B 23 -7.10 -39.31 -18.40
CA GLY B 23 -6.49 -40.51 -18.95
C GLY B 23 -7.39 -41.71 -19.05
N TYR B 24 -6.77 -42.89 -19.01
CA TYR B 24 -7.42 -44.15 -19.33
C TYR B 24 -7.19 -45.20 -18.27
N HIS B 25 -8.19 -46.05 -18.10
CA HIS B 25 -8.04 -47.25 -17.31
C HIS B 25 -8.39 -48.44 -18.22
N HIS B 26 -7.52 -49.43 -18.25
CA HIS B 26 -7.74 -50.61 -19.08
C HIS B 26 -7.83 -51.85 -18.21
N SER B 27 -8.51 -52.86 -18.73
CA SER B 27 -8.68 -54.13 -18.06
C SER B 27 -8.72 -55.22 -19.12
N ASN B 28 -7.77 -56.15 -19.07
CA ASN B 28 -7.73 -57.29 -19.96
C ASN B 28 -7.16 -58.51 -19.22
N GLU B 29 -6.96 -59.61 -19.94
CA GLU B 29 -6.43 -60.84 -19.33
C GLU B 29 -5.02 -60.70 -18.74
N GLN B 30 -4.26 -59.73 -19.22
CA GLN B 30 -2.92 -59.45 -18.69
C GLN B 30 -2.93 -58.61 -17.40
N GLY B 31 -4.02 -57.91 -17.14
CA GLY B 31 -4.16 -57.12 -15.92
C GLY B 31 -4.92 -55.85 -16.15
N SER B 32 -4.66 -54.86 -15.31
CA SER B 32 -5.38 -53.59 -15.38
C SER B 32 -4.52 -52.47 -14.84
N GLY B 33 -4.84 -51.24 -15.23
CA GLY B 33 -4.11 -50.09 -14.73
C GLY B 33 -4.54 -48.77 -15.31
N TYR B 34 -3.97 -47.70 -14.77
CA TYR B 34 -4.29 -46.34 -15.17
C TYR B 34 -3.14 -45.76 -15.99
N ALA B 35 -3.46 -45.05 -17.06
CA ALA B 35 -2.47 -44.31 -17.86
C ALA B 35 -2.95 -42.89 -18.14
N ALA B 36 -2.15 -41.92 -17.71
CA ALA B 36 -2.46 -40.52 -17.97
C ALA B 36 -2.30 -40.19 -19.45
N ASP B 37 -3.20 -39.35 -19.96
CA ASP B 37 -2.99 -38.73 -21.27
C ASP B 37 -2.15 -37.49 -21.05
N LYS B 38 -0.87 -37.59 -21.43
CA LYS B 38 0.12 -36.58 -21.17
C LYS B 38 -0.16 -35.31 -21.96
N GLU B 39 -0.57 -35.46 -23.22
CA GLU B 39 -0.80 -34.34 -24.11
C GLU B 39 -1.93 -33.45 -23.61
N SER B 40 -3.09 -34.05 -23.32
CA SER B 40 -4.24 -33.28 -22.89
C SER B 40 -4.02 -32.68 -21.49
N THR B 41 -3.33 -33.41 -20.62
CA THR B 41 -2.99 -32.89 -19.29
C THR B 41 -2.12 -31.64 -19.38
N GLN B 42 -1.07 -31.70 -20.20
CA GLN B 42 -0.14 -30.58 -20.32
C GLN B 42 -0.81 -29.34 -20.94
N LYS B 43 -1.63 -29.54 -21.97
CA LYS B 43 -2.41 -28.44 -22.55
C LYS B 43 -3.30 -27.78 -21.52
N ALA B 44 -3.93 -28.59 -20.68
CA ALA B 44 -4.81 -28.08 -19.63
C ALA B 44 -4.02 -27.31 -18.58
N ILE B 45 -2.87 -27.84 -18.19
CA ILE B 45 -2.02 -27.15 -17.22
C ILE B 45 -1.59 -25.79 -17.78
N ASP B 46 -1.19 -25.77 -19.05
CA ASP B 46 -0.77 -24.54 -19.70
C ASP B 46 -1.90 -23.51 -19.79
N GLY B 47 -3.11 -23.97 -20.09
CA GLY B 47 -4.27 -23.09 -20.24
C GLY B 47 -4.71 -22.45 -18.91
N VAL B 48 -4.88 -23.27 -17.89
CA VAL B 48 -5.26 -22.77 -16.57
C VAL B 48 -4.18 -21.85 -16.01
N THR B 49 -2.91 -22.21 -16.19
CA THR B 49 -1.81 -21.40 -15.69
C THR B 49 -1.83 -20.03 -16.36
N ASN B 50 -2.06 -20.01 -17.68
CA ASN B 50 -2.17 -18.75 -18.41
C ASN B 50 -3.31 -17.87 -17.91
N LYS B 51 -4.45 -18.49 -17.58
CA LYS B 51 -5.60 -17.75 -17.05
C LYS B 51 -5.25 -17.08 -15.73
N VAL B 52 -4.65 -17.83 -14.82
CA VAL B 52 -4.31 -17.27 -13.51
C VAL B 52 -3.31 -16.12 -13.68
N ASN B 53 -2.26 -16.35 -14.46
CA ASN B 53 -1.25 -15.35 -14.71
C ASN B 53 -1.84 -14.08 -15.35
N SER B 54 -2.82 -14.26 -16.22
CA SER B 54 -3.49 -13.13 -16.88
C SER B 54 -4.28 -12.30 -15.88
N ILE B 55 -5.00 -12.98 -14.98
CA ILE B 55 -5.72 -12.30 -13.89
C ILE B 55 -4.78 -11.49 -12.99
N ILE B 56 -3.56 -11.98 -12.84
CA ILE B 56 -2.57 -11.33 -11.99
C ILE B 56 -1.80 -10.28 -12.77
N ASP B 57 -1.27 -10.64 -13.94
CA ASP B 57 -0.36 -9.78 -14.71
C ASP B 57 -1.01 -8.57 -15.38
N LYS B 58 -2.30 -8.66 -15.69
CA LYS B 58 -2.99 -7.55 -16.38
C LYS B 58 -3.36 -6.39 -15.45
N MET B 59 -3.17 -6.57 -14.14
CA MET B 59 -3.39 -5.52 -13.17
C MET B 59 -2.33 -4.44 -13.36
N ASN B 60 -2.78 -3.20 -13.50
CA ASN B 60 -1.89 -2.05 -13.50
C ASN B 60 -1.72 -1.60 -12.05
N THR B 61 -0.51 -1.75 -11.52
CA THR B 61 -0.17 -1.24 -10.20
C THR B 61 0.65 0.03 -10.38
N GLN B 62 0.34 1.06 -9.59
CA GLN B 62 1.16 2.27 -9.59
C GLN B 62 1.23 2.90 -8.21
N PHE B 63 2.25 3.73 -8.01
CA PHE B 63 2.52 4.35 -6.72
C PHE B 63 1.39 5.28 -6.31
N GLU B 64 0.89 5.12 -5.10
CA GLU B 64 -0.02 6.09 -4.51
C GLU B 64 0.28 6.25 -3.02
N ALA B 65 0.01 7.44 -2.49
CA ALA B 65 0.21 7.75 -1.07
C ALA B 65 -1.12 8.08 -0.42
N VAL B 66 -1.64 7.15 0.35
CA VAL B 66 -2.97 7.28 0.95
C VAL B 66 -2.83 7.66 2.41
N GLY B 67 -3.32 8.85 2.74
CA GLY B 67 -3.31 9.36 4.11
C GLY B 67 -4.55 10.19 4.39
N ARG B 68 -4.50 10.97 5.45
CA ARG B 68 -5.60 11.84 5.87
C ARG B 68 -4.99 13.20 6.20
N GLU B 69 -4.93 14.08 5.22
CA GLU B 69 -4.17 15.32 5.34
C GLU B 69 -5.05 16.59 5.43
N PHE B 70 -6.35 16.42 5.55
CA PHE B 70 -7.25 17.56 5.65
C PHE B 70 -7.63 17.84 7.11
N ASN B 71 -7.75 19.12 7.44
CA ASN B 71 -7.97 19.55 8.84
C ASN B 71 -9.46 19.66 9.21
N ASN B 72 -9.72 20.16 10.41
CA ASN B 72 -11.06 20.22 10.97
C ASN B 72 -12.04 21.14 10.22
N LEU B 73 -11.51 22.10 9.46
CA LEU B 73 -12.34 22.98 8.63
C LEU B 73 -12.18 22.65 7.13
N GLU B 74 -11.82 21.40 6.85
CA GLU B 74 -11.78 20.89 5.47
C GLU B 74 -12.53 19.54 5.41
N ARG B 75 -13.62 19.43 6.17
CA ARG B 75 -14.38 18.17 6.24
C ARG B 75 -15.13 17.87 4.94
N ARG B 76 -15.56 18.90 4.21
CA ARG B 76 -16.20 18.68 2.93
C ARG B 76 -15.25 18.01 1.92
N ILE B 77 -14.00 18.45 1.89
CA ILE B 77 -13.00 17.86 1.01
C ILE B 77 -12.65 16.45 1.50
N GLU B 78 -12.54 16.27 2.81
CA GLU B 78 -12.34 14.94 3.40
C GLU B 78 -13.46 13.98 2.96
N ASN B 79 -14.72 14.44 2.97
CA ASN B 79 -15.83 13.61 2.53
C ASN B 79 -15.71 13.25 1.04
N LEU B 80 -15.20 14.18 0.23
CA LEU B 80 -14.99 13.91 -1.18
C LEU B 80 -14.01 12.75 -1.36
N ASN B 81 -12.93 12.77 -0.58
CA ASN B 81 -11.98 11.65 -0.61
C ASN B 81 -12.62 10.34 -0.14
N LYS B 82 -13.44 10.42 0.91
CA LYS B 82 -14.12 9.23 1.41
C LYS B 82 -14.99 8.57 0.33
N LYS B 83 -15.79 9.37 -0.37
CA LYS B 83 -16.66 8.83 -1.41
C LYS B 83 -15.83 8.19 -2.52
N MET B 84 -14.70 8.81 -2.86
CA MET B 84 -13.81 8.28 -3.89
C MET B 84 -13.22 6.94 -3.46
N GLU B 85 -12.66 6.92 -2.25
CA GLU B 85 -12.04 5.72 -1.69
C GLU B 85 -13.02 4.56 -1.58
N ASP B 86 -14.17 4.85 -0.98
CA ASP B 86 -15.22 3.84 -0.82
C ASP B 86 -15.72 3.36 -2.17
N GLY B 87 -15.82 4.28 -3.13
CA GLY B 87 -16.24 3.94 -4.48
C GLY B 87 -15.32 2.92 -5.11
N PHE B 88 -14.01 3.17 -5.07
CA PHE B 88 -13.04 2.24 -5.66
C PHE B 88 -13.07 0.90 -4.93
N LEU B 89 -13.22 0.94 -3.61
CA LEU B 89 -13.34 -0.27 -2.80
C LEU B 89 -14.55 -1.10 -3.27
N ASP B 90 -15.67 -0.42 -3.49
CA ASP B 90 -16.88 -1.10 -3.96
C ASP B 90 -16.65 -1.73 -5.33
N VAL B 91 -16.04 -0.97 -6.24
CA VAL B 91 -15.81 -1.45 -7.60
C VAL B 91 -14.91 -2.69 -7.61
N TRP B 92 -13.79 -2.60 -6.92
CA TRP B 92 -12.82 -3.69 -6.96
C TRP B 92 -13.30 -4.92 -6.22
N THR B 93 -14.06 -4.70 -5.15
CA THR B 93 -14.60 -5.81 -4.37
C THR B 93 -15.58 -6.61 -5.21
N TYR B 94 -16.52 -5.92 -5.85
CA TYR B 94 -17.54 -6.57 -6.68
C TYR B 94 -16.93 -7.27 -7.87
N ASN B 95 -16.02 -6.61 -8.57
CA ASN B 95 -15.38 -7.20 -9.74
C ASN B 95 -14.46 -8.37 -9.39
N ALA B 96 -13.76 -8.29 -8.25
CA ALA B 96 -12.91 -9.38 -7.80
C ALA B 96 -13.73 -10.61 -7.41
N GLU B 97 -14.82 -10.41 -6.67
CA GLU B 97 -15.66 -11.52 -6.25
C GLU B 97 -16.33 -12.20 -7.45
N LEU B 98 -16.85 -11.42 -8.40
CA LEU B 98 -17.56 -12.00 -9.55
C LEU B 98 -16.60 -12.67 -10.50
N LEU B 99 -15.45 -12.05 -10.73
CA LEU B 99 -14.39 -12.64 -11.55
C LEU B 99 -14.02 -14.04 -11.07
N VAL B 100 -13.89 -14.21 -9.76
CA VAL B 100 -13.56 -15.49 -9.16
C VAL B 100 -14.67 -16.51 -9.41
N LEU B 101 -15.92 -16.12 -9.14
CA LEU B 101 -17.05 -17.02 -9.34
C LEU B 101 -17.18 -17.46 -10.80
N MET B 102 -17.05 -16.49 -11.71
CA MET B 102 -17.23 -16.72 -13.15
C MET B 102 -16.11 -17.55 -13.74
N GLU B 103 -14.87 -17.24 -13.38
CA GLU B 103 -13.73 -17.98 -13.90
C GLU B 103 -13.63 -19.38 -13.34
N ASN B 104 -14.06 -19.56 -12.09
CA ASN B 104 -14.14 -20.90 -11.50
C ASN B 104 -15.13 -21.79 -12.24
N GLU B 105 -16.26 -21.21 -12.66
CA GLU B 105 -17.20 -21.92 -13.52
C GLU B 105 -16.54 -22.33 -14.82
N ARG B 106 -15.78 -21.41 -15.41
CA ARG B 106 -15.10 -21.69 -16.68
C ARG B 106 -14.02 -22.75 -16.53
N THR B 107 -13.28 -22.74 -15.43
CA THR B 107 -12.20 -23.70 -15.25
C THR B 107 -12.76 -25.12 -15.15
N LEU B 108 -13.77 -25.30 -14.32
CA LEU B 108 -14.37 -26.61 -14.15
C LEU B 108 -14.99 -27.10 -15.47
N ASP B 109 -15.65 -26.21 -16.21
CA ASP B 109 -16.21 -26.59 -17.50
C ASP B 109 -15.11 -26.93 -18.52
N PHE B 110 -13.95 -26.28 -18.40
CA PHE B 110 -12.79 -26.56 -19.22
C PHE B 110 -12.33 -28.03 -19.00
N HIS B 111 -12.21 -28.44 -17.75
CA HIS B 111 -11.84 -29.81 -17.43
C HIS B 111 -12.83 -30.81 -18.00
N ASP B 112 -14.11 -30.49 -17.82
CA ASP B 112 -15.21 -31.32 -18.32
C ASP B 112 -15.10 -31.50 -19.84
N SER B 113 -14.94 -30.39 -20.56
CA SER B 113 -14.66 -30.39 -21.99
C SER B 113 -13.50 -31.31 -22.39
N ASN B 114 -12.36 -31.13 -21.73
CA ASN B 114 -11.15 -31.91 -22.04
C ASN B 114 -11.42 -33.42 -21.92
N VAL B 115 -12.12 -33.82 -20.86
CA VAL B 115 -12.48 -35.21 -20.64
C VAL B 115 -13.40 -35.75 -21.74
N LYS B 116 -14.44 -34.97 -22.07
CA LYS B 116 -15.39 -35.30 -23.14
C LYS B 116 -14.67 -35.48 -24.48
N ASN B 117 -13.76 -34.56 -24.80
CA ASN B 117 -13.00 -34.65 -26.05
C ASN B 117 -12.10 -35.87 -26.13
N LEU B 118 -11.51 -36.24 -25.00
CA LEU B 118 -10.67 -37.43 -24.93
C LEU B 118 -11.54 -38.67 -25.15
N TYR B 119 -12.72 -38.67 -24.55
CA TYR B 119 -13.69 -39.74 -24.72
C TYR B 119 -14.11 -39.93 -26.18
N ASP B 120 -14.49 -38.83 -26.82
CA ASP B 120 -14.89 -38.86 -28.23
C ASP B 120 -13.77 -39.36 -29.16
N LYS B 121 -12.54 -38.98 -28.87
CA LYS B 121 -11.40 -39.40 -29.69
C LYS B 121 -11.26 -40.92 -29.68
N VAL B 122 -11.48 -41.53 -28.52
CA VAL B 122 -11.46 -42.99 -28.39
C VAL B 122 -12.69 -43.61 -29.06
N ARG B 123 -13.86 -43.03 -28.84
CA ARG B 123 -15.08 -43.54 -29.42
C ARG B 123 -14.97 -43.68 -30.95
N LEU B 124 -14.46 -42.63 -31.60
CA LEU B 124 -14.37 -42.61 -33.06
C LEU B 124 -13.37 -43.62 -33.62
N GLN B 125 -12.31 -43.91 -32.87
CA GLN B 125 -11.37 -44.96 -33.26
C GLN B 125 -12.01 -46.34 -33.20
N LEU B 126 -12.65 -46.63 -32.08
CA LEU B 126 -13.21 -47.96 -31.84
C LEU B 126 -14.40 -48.27 -32.73
N ARG B 127 -15.26 -47.26 -32.93
CA ARG B 127 -16.54 -47.43 -33.62
C ARG B 127 -17.26 -48.68 -33.10
N ASP B 128 -17.55 -49.63 -33.99
CA ASP B 128 -18.36 -50.81 -33.66
C ASP B 128 -17.52 -52.04 -33.27
N ASN B 129 -16.21 -51.88 -33.16
CA ASN B 129 -15.34 -52.95 -32.60
C ASN B 129 -15.44 -53.03 -31.08
N ALA B 130 -16.22 -52.15 -30.47
CA ALA B 130 -16.43 -52.15 -29.03
C ALA B 130 -17.79 -51.57 -28.69
N LYS B 131 -18.32 -51.99 -27.55
CA LYS B 131 -19.62 -51.52 -27.07
C LYS B 131 -19.46 -50.33 -26.12
N GLU B 132 -20.22 -49.28 -26.39
CA GLU B 132 -20.25 -48.09 -25.54
C GLU B 132 -21.18 -48.31 -24.33
N LEU B 133 -20.60 -48.51 -23.15
CA LEU B 133 -21.39 -48.88 -21.96
C LEU B 133 -22.24 -47.74 -21.39
N GLY B 134 -21.77 -46.51 -21.56
CA GLY B 134 -22.49 -45.33 -21.08
C GLY B 134 -21.93 -44.72 -19.82
N ASN B 135 -20.85 -45.30 -19.30
CA ASN B 135 -20.25 -44.88 -18.03
C ASN B 135 -18.80 -44.38 -18.22
N GLY B 136 -18.43 -44.11 -19.46
CA GLY B 136 -17.06 -43.77 -19.81
C GLY B 136 -16.25 -44.95 -20.34
N CYS B 137 -16.81 -46.16 -20.28
CA CYS B 137 -16.08 -47.36 -20.68
C CYS B 137 -16.57 -47.95 -21.99
N PHE B 138 -15.65 -48.61 -22.70
CA PHE B 138 -15.96 -49.36 -23.91
C PHE B 138 -15.61 -50.83 -23.67
N GLU B 139 -16.51 -51.73 -24.05
CA GLU B 139 -16.32 -53.16 -23.89
C GLU B 139 -16.02 -53.78 -25.25
N PHE B 140 -14.80 -54.27 -25.40
CA PHE B 140 -14.33 -54.80 -26.67
C PHE B 140 -15.07 -56.09 -27.06
N TYR B 141 -15.37 -56.22 -28.35
CA TYR B 141 -15.91 -57.47 -28.91
C TYR B 141 -14.78 -58.42 -29.27
N HIS B 142 -13.54 -57.92 -29.23
CA HIS B 142 -12.35 -58.73 -29.50
C HIS B 142 -11.36 -58.61 -28.34
N LYS B 143 -10.36 -59.49 -28.33
CA LYS B 143 -9.30 -59.41 -27.32
C LYS B 143 -8.41 -58.23 -27.66
N CYS B 144 -8.15 -57.39 -26.65
CA CYS B 144 -7.27 -56.23 -26.82
C CYS B 144 -6.17 -56.30 -25.75
N ASP B 145 -5.00 -56.80 -26.15
CA ASP B 145 -3.87 -56.95 -25.22
C ASP B 145 -3.22 -55.59 -24.91
N ASN B 146 -2.12 -55.59 -24.16
CA ASN B 146 -1.46 -54.33 -23.76
C ASN B 146 -1.00 -53.48 -24.95
N GLU B 147 -0.52 -54.13 -26.02
CA GLU B 147 -0.12 -53.42 -27.23
C GLU B 147 -1.33 -52.80 -27.94
N CYS B 148 -2.43 -53.54 -28.01
CA CYS B 148 -3.69 -53.06 -28.58
C CYS B 148 -4.23 -51.90 -27.75
N MET B 149 -4.16 -52.01 -26.44
CA MET B 149 -4.59 -50.93 -25.55
C MET B 149 -3.75 -49.67 -25.76
N GLU B 150 -2.43 -49.84 -25.92
CA GLU B 150 -1.54 -48.72 -26.20
C GLU B 150 -1.90 -48.01 -27.51
N SER B 151 -2.27 -48.79 -28.54
CA SER B 151 -2.64 -48.21 -29.84
C SER B 151 -3.88 -47.33 -29.74
N VAL B 152 -4.77 -47.65 -28.80
CA VAL B 152 -5.96 -46.83 -28.55
C VAL B 152 -5.59 -45.52 -27.88
N ARG B 153 -4.69 -45.58 -26.89
CA ARG B 153 -4.18 -44.39 -26.23
C ARG B 153 -3.38 -43.50 -27.18
N ASN B 154 -2.66 -44.14 -28.11
CA ASN B 154 -1.80 -43.44 -29.07
C ASN B 154 -2.55 -42.77 -30.22
N GLY B 155 -3.81 -43.14 -30.41
CA GLY B 155 -4.55 -42.71 -31.61
C GLY B 155 -4.11 -43.50 -32.82
N THR B 156 -3.63 -44.73 -32.60
CA THR B 156 -3.09 -45.59 -33.66
C THR B 156 -3.89 -46.90 -33.79
N TYR B 157 -5.04 -46.98 -33.13
CA TYR B 157 -5.87 -48.19 -33.18
C TYR B 157 -6.26 -48.55 -34.61
N ASP B 158 -5.91 -49.76 -35.03
CA ASP B 158 -6.21 -50.26 -36.37
C ASP B 158 -7.52 -51.06 -36.35
N TYR B 159 -8.60 -50.39 -36.71
CA TYR B 159 -9.94 -50.98 -36.74
C TYR B 159 -10.05 -52.22 -37.66
N PRO B 160 -9.55 -52.15 -38.91
CA PRO B 160 -9.75 -53.29 -39.82
C PRO B 160 -8.98 -54.58 -39.46
N GLN B 161 -8.06 -54.50 -38.49
CA GLN B 161 -7.34 -55.67 -38.01
C GLN B 161 -8.22 -56.56 -37.13
N TYR B 162 -9.18 -55.96 -36.43
CA TYR B 162 -10.02 -56.70 -35.47
C TYR B 162 -11.47 -56.89 -35.93
N SER B 163 -11.83 -56.32 -37.08
CA SER B 163 -13.22 -56.39 -37.59
C SER B 163 -13.82 -57.80 -37.57
N GLU B 164 -13.11 -58.77 -38.14
CA GLU B 164 -13.61 -60.14 -38.26
C GLU B 164 -13.85 -60.81 -36.90
N GLU B 165 -12.89 -60.64 -36.00
CA GLU B 165 -13.04 -61.15 -34.63
C GLU B 165 -14.20 -60.48 -33.90
N ALA B 166 -14.41 -59.19 -34.16
CA ALA B 166 -15.53 -58.44 -33.58
C ALA B 166 -16.88 -59.02 -33.99
N ARG B 167 -16.97 -59.56 -35.20
CA ARG B 167 -18.16 -60.23 -35.67
C ARG B 167 -18.36 -61.57 -34.99
#